data_5C4R
#
_entry.id   5C4R
#
_cell.length_a   33.900
_cell.length_b   75.300
_cell.length_c   115.100
_cell.angle_alpha   90.00
_cell.angle_beta   90.00
_cell.angle_gamma   90.00
#
_symmetry.space_group_name_H-M   'P 21 21 21'
#
_entity_poly.entity_id   1
_entity_poly.type   'polypeptide(L)'
_entity_poly.pdbx_seq_one_letter_code
;MTRLLVLGGTTEASRLAKQDADQGFEAVFSYAGRTGAPVAQPLPTRIGGFGGVAGLVDYLTREGVSHVIDATHPFAAQMS
ANAVAACAQTGVALCAFERAPWTAQAGDRWTHVPDLAAAVAALPQAPARVFLAIGKQHLRDFSAAPQHHYLLRLVDPPEG
PLPVPDARAVIARGPFTVQGDTELLRSETITHVVAKNAGGAGAEAKLIAARSLGLPVILIDRPAVPARDICATLEGVMGW
LADHGATPRGV
;
_entity_poly.pdbx_strand_id   A
#
# COMPACT_ATOMS: atom_id res chain seq x y z
N MET A 1 15.62 5.22 27.53
CA MET A 1 15.45 3.91 26.85
C MET A 1 14.47 4.09 25.68
N THR A 2 13.91 2.96 25.23
CA THR A 2 13.05 2.84 24.05
C THR A 2 11.82 3.75 23.90
N ARG A 3 11.54 4.14 22.67
CA ARG A 3 10.27 4.77 22.32
C ARG A 3 10.11 4.76 20.79
N LEU A 4 9.04 4.12 20.32
CA LEU A 4 8.91 3.77 18.90
C LEU A 4 7.84 4.59 18.29
N LEU A 5 8.06 4.93 17.02
CA LEU A 5 7.04 5.57 16.22
C LEU A 5 6.76 4.65 15.06
N VAL A 6 5.49 4.29 14.88
CA VAL A 6 5.10 3.46 13.77
C VAL A 6 4.27 4.27 12.82
N LEU A 7 4.73 4.34 11.58
CA LEU A 7 4.04 5.10 10.54
C LEU A 7 3.17 4.09 9.86
N GLY A 8 1.86 4.34 9.83
CA GLY A 8 0.91 3.37 9.34
C GLY A 8 0.21 3.77 8.09
N GLY A 9 -0.99 3.21 7.90
CA GLY A 9 -1.74 3.31 6.65
C GLY A 9 -1.82 1.97 5.95
N THR A 10 -1.60 0.88 6.70
CA THR A 10 -1.59 -0.49 6.19
C THR A 10 -2.00 -1.44 7.30
N THR A 11 -2.46 -2.62 6.92
CA THR A 11 -2.83 -3.64 7.87
C THR A 11 -1.60 -4.22 8.52
N GLU A 12 -0.48 -4.25 7.80
CA GLU A 12 0.81 -4.70 8.36
C GLU A 12 1.17 -3.82 9.53
N ALA A 13 0.95 -2.53 9.39
CA ALA A 13 1.12 -1.59 10.50
C ALA A 13 0.17 -1.94 11.65
N SER A 14 -1.12 -2.08 11.32
CA SER A 14 -2.15 -2.42 12.32
C SER A 14 -1.80 -3.67 13.11
N ARG A 15 -1.25 -4.65 12.38
CA ARG A 15 -0.85 -5.91 12.99
C ARG A 15 0.37 -5.65 13.85
N LEU A 16 1.35 -4.90 13.33
CA LEU A 16 2.50 -4.47 14.15
C LEU A 16 2.07 -3.71 15.42
N ALA A 17 1.05 -2.85 15.30
CA ALA A 17 0.58 -2.12 16.45
C ALA A 17 0.06 -3.06 17.55
N LYS A 18 -0.81 -4.02 17.22
CA LYS A 18 -1.25 -4.98 18.26
C LYS A 18 -0.07 -5.67 18.96
N GLN A 19 0.99 -6.03 18.25
CA GLN A 19 2.12 -6.73 18.88
C GLN A 19 2.77 -5.87 19.94
N ASP A 20 3.03 -4.63 19.53
CA ASP A 20 3.80 -3.68 20.33
C ASP A 20 3.09 -3.40 21.62
N ALA A 21 1.77 -3.18 21.53
CA ALA A 21 0.90 -3.06 22.71
C ALA A 21 0.99 -4.34 23.48
N ASP A 22 0.71 -5.46 22.83
CA ASP A 22 0.62 -6.71 23.54
C ASP A 22 1.89 -6.99 24.28
N GLN A 23 3.05 -6.88 23.61
CA GLN A 23 4.34 -7.09 24.30
C GLN A 23 4.79 -5.95 25.24
N GLY A 24 4.02 -4.87 25.30
CA GLY A 24 4.25 -3.79 26.25
C GLY A 24 5.34 -2.81 25.88
N PHE A 25 5.58 -2.60 24.60
CA PHE A 25 6.50 -1.54 24.19
C PHE A 25 5.86 -0.19 24.36
N GLU A 26 6.69 0.84 24.48
CA GLU A 26 6.25 2.25 24.44
C GLU A 26 6.31 2.72 22.99
N ALA A 27 5.15 2.93 22.38
CA ALA A 27 5.12 3.26 20.97
C ALA A 27 3.94 4.15 20.66
N VAL A 28 4.14 5.09 19.73
CA VAL A 28 3.07 5.91 19.20
C VAL A 28 2.77 5.48 17.77
N PHE A 29 1.54 5.67 17.35
CA PHE A 29 1.11 5.24 16.03
C PHE A 29 0.71 6.45 15.21
N SER A 30 1.01 6.44 13.91
CA SER A 30 0.84 7.64 13.11
C SER A 30 0.06 7.44 11.81
N TYR A 31 -1.20 7.88 11.83
CA TYR A 31 -2.02 8.05 10.61
C TYR A 31 -1.74 9.40 9.98
N ALA A 32 -1.89 9.49 8.66
CA ALA A 32 -2.14 10.76 7.99
C ALA A 32 -3.66 10.84 7.71
N GLY A 33 -4.26 12.01 7.90
CA GLY A 33 -5.71 12.16 7.78
C GLY A 33 -6.43 11.62 9.01
N ALA A 40 -9.97 2.04 15.39
CA ALA A 40 -8.91 2.61 16.22
C ALA A 40 -7.73 1.66 16.35
N GLN A 41 -6.65 2.18 16.92
CA GLN A 41 -5.45 1.42 17.15
C GLN A 41 -5.36 1.20 18.65
N PRO A 42 -4.61 0.16 19.05
CA PRO A 42 -4.34 -0.10 20.46
C PRO A 42 -3.12 0.67 20.97
N LEU A 43 -2.71 1.72 20.27
CA LEU A 43 -1.64 2.60 20.70
C LEU A 43 -2.11 4.05 20.69
N PRO A 44 -1.54 4.86 21.57
CA PRO A 44 -1.72 6.30 21.39
C PRO A 44 -1.54 6.62 19.93
N THR A 45 -2.37 7.51 19.38
CA THR A 45 -2.32 7.80 17.95
C THR A 45 -2.28 9.27 17.60
N ARG A 46 -1.37 9.57 16.70
CA ARG A 46 -1.11 10.89 16.23
C ARG A 46 -1.62 10.97 14.81
N ILE A 47 -2.45 11.97 14.46
CA ILE A 47 -3.13 11.90 13.15
C ILE A 47 -2.73 12.89 12.09
N GLY A 48 -2.08 13.97 12.42
CA GLY A 48 -1.66 14.92 11.37
C GLY A 48 -0.62 14.34 10.41
N GLY A 49 0.00 15.22 9.62
CA GLY A 49 1.31 14.96 9.03
C GLY A 49 2.28 15.72 9.90
N PHE A 50 3.54 15.79 9.51
CA PHE A 50 4.59 16.42 10.34
C PHE A 50 5.14 17.74 9.84
N GLY A 51 4.64 18.26 8.72
CA GLY A 51 5.26 19.43 8.07
C GLY A 51 6.59 19.08 7.40
N GLY A 52 6.52 18.20 6.40
CA GLY A 52 7.70 17.76 5.64
C GLY A 52 8.82 17.19 6.51
N VAL A 53 10.01 17.02 5.93
CA VAL A 53 11.15 16.58 6.71
C VAL A 53 11.51 17.66 7.69
N ALA A 54 11.54 17.28 8.95
CA ALA A 54 12.12 18.16 9.93
C ALA A 54 11.45 19.53 10.05
N GLY A 55 10.17 19.65 10.48
CA GLY A 55 9.15 18.61 10.48
C GLY A 55 9.36 17.42 11.39
N LEU A 56 9.31 16.25 10.80
CA LEU A 56 9.62 14.99 11.46
C LEU A 56 10.81 15.06 12.43
N VAL A 57 11.99 15.48 11.96
CA VAL A 57 13.16 15.73 12.86
C VAL A 57 12.81 16.45 14.20
N ASP A 58 12.03 17.51 14.10
CA ASP A 58 11.57 18.25 15.27
C ASP A 58 10.77 17.35 16.18
N TYR A 59 9.92 16.53 15.58
CA TYR A 59 9.08 15.60 16.31
C TYR A 59 9.87 14.43 16.90
N LEU A 60 10.70 13.81 16.08
CA LEU A 60 11.61 12.77 16.54
C LEU A 60 12.44 13.22 17.75
N THR A 61 12.83 14.49 17.73
CA THR A 61 13.61 15.08 18.81
C THR A 61 12.82 15.37 20.06
N ARG A 62 11.78 16.18 19.92
CA ARG A 62 10.98 16.52 21.10
C ARG A 62 10.32 15.32 21.78
N GLU A 63 9.94 14.28 21.01
CA GLU A 63 9.32 13.09 21.61
C GLU A 63 10.32 12.09 22.16
N GLY A 64 11.59 12.25 21.81
CA GLY A 64 12.61 11.30 22.28
C GLY A 64 12.46 9.92 21.64
N VAL A 65 12.13 9.89 20.35
CA VAL A 65 11.89 8.61 19.69
C VAL A 65 13.20 7.90 19.42
N SER A 66 13.27 6.64 19.82
CA SER A 66 14.45 5.83 19.57
C SER A 66 14.35 5.16 18.21
N HIS A 67 13.22 4.51 17.91
CA HIS A 67 13.11 3.72 16.66
C HIS A 67 11.86 4.02 15.90
N VAL A 68 11.99 4.08 14.58
CA VAL A 68 10.86 4.32 13.72
C VAL A 68 10.62 3.10 12.86
N ILE A 69 9.38 2.65 12.76
CA ILE A 69 9.01 1.67 11.74
C ILE A 69 8.06 2.24 10.70
N ASP A 70 8.60 2.46 9.51
CA ASP A 70 7.78 2.87 8.39
C ASP A 70 7.01 1.67 7.85
N ALA A 71 5.75 1.58 8.27
CA ALA A 71 4.85 0.57 7.78
C ALA A 71 3.78 1.31 7.01
N THR A 72 4.17 2.35 6.28
CA THR A 72 3.18 3.08 5.49
C THR A 72 2.95 2.30 4.22
N HIS A 73 1.93 2.72 3.49
CA HIS A 73 1.68 2.15 2.17
C HIS A 73 2.96 2.26 1.32
N PRO A 74 3.14 1.31 0.36
CA PRO A 74 4.34 1.29 -0.50
C PRO A 74 4.31 2.19 -1.76
N PHE A 75 3.11 2.56 -2.20
CA PHE A 75 2.87 3.70 -3.10
C PHE A 75 2.67 5.07 -2.40
N ALA A 76 3.07 5.17 -1.15
CA ALA A 76 3.08 6.42 -0.41
C ALA A 76 4.53 6.64 -0.03
N ALA A 77 5.30 7.08 -1.03
CA ALA A 77 6.77 7.14 -0.95
C ALA A 77 7.29 8.41 -0.31
N GLN A 78 6.67 9.57 -0.58
CA GLN A 78 7.18 10.81 0.02
C GLN A 78 7.22 10.73 1.56
N MET A 79 6.30 10.01 2.16
CA MET A 79 6.38 9.79 3.58
C MET A 79 7.62 8.95 3.87
N SER A 80 7.76 7.83 3.17
CA SER A 80 8.78 6.82 3.46
C SER A 80 10.16 7.40 3.34
N ALA A 81 10.32 8.29 2.35
CA ALA A 81 11.60 8.93 2.10
C ALA A 81 11.85 10.03 3.11
N ASN A 82 10.80 10.76 3.49
CA ASN A 82 10.93 11.73 4.58
C ASN A 82 11.40 11.10 5.88
N ALA A 83 10.85 9.94 6.21
CA ALA A 83 11.37 9.20 7.33
C ALA A 83 12.88 8.91 7.17
N VAL A 84 13.31 8.47 5.99
CA VAL A 84 14.72 8.15 5.75
C VAL A 84 15.61 9.34 6.07
N ALA A 85 15.29 10.49 5.47
CA ALA A 85 16.03 11.73 5.76
C ALA A 85 15.98 12.04 7.25
N ALA A 86 14.78 12.25 7.77
CA ALA A 86 14.64 12.63 9.18
C ALA A 86 15.41 11.67 10.10
N CYS A 87 15.42 10.38 9.80
CA CYS A 87 16.07 9.42 10.68
C CYS A 87 17.58 9.41 10.44
N ALA A 88 17.98 9.65 9.19
CA ALA A 88 19.41 9.76 8.86
C ALA A 88 20.06 10.96 9.53
N GLN A 89 19.37 12.08 9.45
CA GLN A 89 19.85 13.37 9.93
C GLN A 89 19.70 13.48 11.45
N THR A 90 19.15 12.45 12.06
CA THR A 90 18.71 12.50 13.46
C THR A 90 19.35 11.36 14.27
N GLY A 91 20.05 10.47 13.57
CA GLY A 91 20.53 9.22 14.14
C GLY A 91 19.47 8.48 14.93
N VAL A 92 18.34 8.18 14.29
CA VAL A 92 17.26 7.37 14.88
C VAL A 92 17.09 6.17 13.95
N ALA A 93 17.06 4.97 14.52
CA ALA A 93 16.96 3.75 13.71
C ALA A 93 15.64 3.68 12.94
N LEU A 94 15.63 2.86 11.88
CA LEU A 94 14.48 2.79 10.98
C LEU A 94 14.37 1.48 10.19
N CYS A 95 13.53 0.52 10.60
CA CYS A 95 13.17 -0.57 9.67
C CYS A 95 12.00 -0.08 8.84
N ALA A 96 11.76 -0.74 7.72
CA ALA A 96 10.58 -0.51 6.91
C ALA A 96 9.86 -1.83 6.75
N PHE A 97 8.61 -1.89 7.19
CA PHE A 97 7.82 -3.10 7.14
C PHE A 97 7.00 -3.04 5.88
N GLU A 98 7.53 -3.64 4.81
CA GLU A 98 6.80 -3.78 3.55
C GLU A 98 6.62 -5.26 3.25
N ARG A 99 5.38 -5.69 3.03
CA ARG A 99 5.16 -7.02 2.48
C ARG A 99 5.93 -7.05 1.16
N ALA A 100 6.54 -8.19 0.84
CA ALA A 100 7.26 -8.33 -0.41
C ALA A 100 6.30 -8.30 -1.60
N PRO A 101 6.69 -7.58 -2.65
CA PRO A 101 5.83 -7.40 -3.82
C PRO A 101 5.58 -8.74 -4.47
N TRP A 102 4.49 -8.84 -5.22
CA TRP A 102 4.07 -10.11 -5.80
C TRP A 102 4.96 -10.57 -6.93
N THR A 103 5.14 -11.88 -6.97
CA THR A 103 6.01 -12.57 -7.91
C THR A 103 5.12 -13.37 -8.85
N ALA A 104 5.40 -13.34 -10.14
CA ALA A 104 4.59 -14.08 -11.11
C ALA A 104 4.87 -15.57 -11.00
N GLN A 105 3.99 -16.38 -11.57
CA GLN A 105 4.09 -17.84 -11.48
C GLN A 105 3.34 -18.45 -12.62
N ALA A 106 3.51 -19.75 -12.87
CA ALA A 106 2.98 -20.35 -14.12
C ALA A 106 1.50 -20.02 -14.34
N GLY A 107 1.18 -19.59 -15.55
CA GLY A 107 -0.18 -19.17 -15.87
C GLY A 107 -0.49 -17.69 -15.69
N ASP A 108 0.29 -16.96 -14.87
CA ASP A 108 0.19 -15.50 -14.88
C ASP A 108 0.68 -14.99 -16.22
N ARG A 109 0.21 -13.82 -16.61
CA ARG A 109 0.65 -13.19 -17.85
C ARG A 109 0.70 -11.69 -17.56
N TRP A 110 1.79 -11.29 -16.90
CA TRP A 110 1.92 -9.97 -16.33
C TRP A 110 2.85 -9.16 -17.18
N THR A 111 2.54 -7.87 -17.28
CA THR A 111 3.52 -6.87 -17.69
C THR A 111 3.66 -5.78 -16.64
N HIS A 112 4.86 -5.21 -16.63
CA HIS A 112 5.27 -4.20 -15.67
C HIS A 112 5.50 -2.83 -16.26
N VAL A 113 5.09 -1.82 -15.50
CA VAL A 113 5.19 -0.42 -15.87
C VAL A 113 5.64 0.39 -14.67
N PRO A 114 6.30 1.51 -14.93
CA PRO A 114 6.80 2.32 -13.86
C PRO A 114 5.74 3.00 -13.01
N ASP A 115 4.76 3.60 -13.67
CA ASP A 115 3.78 4.46 -13.02
C ASP A 115 2.41 4.30 -13.66
N LEU A 116 1.42 5.03 -13.15
CA LEU A 116 0.07 5.07 -13.72
C LEU A 116 0.04 5.54 -15.19
N ALA A 117 0.80 6.58 -15.47
CA ALA A 117 0.91 7.12 -16.82
C ALA A 117 1.26 6.01 -17.83
N ALA A 118 2.26 5.20 -17.46
CA ALA A 118 2.74 4.11 -18.30
C ALA A 118 1.69 3.05 -18.43
N ALA A 119 0.92 2.84 -17.37
CA ALA A 119 -0.20 1.91 -17.41
C ALA A 119 -1.22 2.31 -18.48
N VAL A 120 -1.58 3.58 -18.53
CA VAL A 120 -2.57 4.05 -19.52
C VAL A 120 -2.03 3.85 -20.95
N ALA A 121 -0.74 4.14 -21.11
CA ALA A 121 -0.05 4.02 -22.40
C ALA A 121 0.06 2.59 -22.91
N ALA A 122 -0.12 1.61 -22.02
CA ALA A 122 0.08 0.18 -22.32
C ALA A 122 -1.20 -0.56 -22.65
N LEU A 123 -2.35 0.07 -22.43
CA LEU A 123 -3.59 -0.53 -22.87
C LEU A 123 -3.53 -0.61 -24.39
N PRO A 124 -4.31 -1.51 -25.00
CA PRO A 124 -4.21 -1.65 -26.46
C PRO A 124 -5.06 -0.63 -27.20
N GLN A 125 -4.80 -0.48 -28.50
CA GLN A 125 -5.62 0.40 -29.36
C GLN A 125 -7.05 -0.06 -29.33
N ALA A 126 -7.22 -1.30 -29.80
CA ALA A 126 -8.53 -1.90 -30.01
C ALA A 126 -9.28 -1.91 -28.70
N PRO A 127 -10.58 -1.58 -28.74
CA PRO A 127 -11.36 -1.39 -27.51
C PRO A 127 -11.39 -2.65 -26.70
N ALA A 128 -11.35 -2.47 -25.40
CA ALA A 128 -11.09 -3.55 -24.49
C ALA A 128 -11.95 -3.31 -23.26
N ARG A 129 -11.96 -4.27 -22.35
CA ARG A 129 -12.78 -4.20 -21.14
C ARG A 129 -11.83 -4.44 -19.97
N VAL A 130 -11.71 -3.43 -19.11
CA VAL A 130 -10.51 -3.25 -18.32
C VAL A 130 -10.77 -3.00 -16.85
N PHE A 131 -10.41 -3.95 -16.02
CA PHE A 131 -10.57 -3.77 -14.60
C PHE A 131 -9.49 -2.85 -14.11
N LEU A 132 -9.90 -1.68 -13.60
CA LEU A 132 -9.00 -0.76 -12.93
C LEU A 132 -9.00 -0.97 -11.44
N ALA A 133 -8.17 -1.93 -11.02
CA ALA A 133 -8.08 -2.30 -9.63
C ALA A 133 -7.07 -1.41 -8.94
N ILE A 134 -7.36 -0.11 -8.98
CA ILE A 134 -6.49 0.94 -8.48
C ILE A 134 -7.23 1.68 -7.38
N GLY A 135 -8.38 1.12 -6.96
CA GLY A 135 -9.45 1.91 -6.34
C GLY A 135 -10.05 2.81 -7.41
N LYS A 136 -9.97 4.15 -7.30
CA LYS A 136 -9.58 4.97 -6.14
C LYS A 136 -9.38 6.38 -6.66
N GLN A 137 -8.19 6.65 -7.18
CA GLN A 137 -7.75 8.00 -7.50
C GLN A 137 -6.80 7.95 -8.71
N HIS A 138 -6.69 9.11 -9.35
CA HIS A 138 -6.08 9.26 -10.66
C HIS A 138 -6.75 8.41 -11.74
N LEU A 139 -8.02 8.08 -11.55
CA LEU A 139 -8.75 7.30 -12.56
C LEU A 139 -8.92 8.17 -13.76
N ARG A 140 -9.19 9.44 -13.49
CA ARG A 140 -9.15 10.51 -14.47
C ARG A 140 -8.12 10.26 -15.59
N ASP A 141 -6.92 9.79 -15.22
CA ASP A 141 -5.84 9.60 -16.18
C ASP A 141 -6.12 8.65 -17.34
N PHE A 142 -7.08 7.74 -17.19
CA PHE A 142 -7.41 6.77 -18.26
C PHE A 142 -8.41 7.31 -19.29
N SER A 143 -8.88 8.53 -19.08
CA SER A 143 -9.70 9.17 -20.11
C SER A 143 -8.86 9.32 -21.36
N ALA A 144 -7.54 9.42 -21.15
CA ALA A 144 -6.56 9.47 -22.23
C ALA A 144 -6.75 8.34 -23.24
N ALA A 145 -7.17 7.16 -22.77
CA ALA A 145 -7.74 6.09 -23.65
C ALA A 145 -9.26 5.87 -23.35
N PRO A 146 -10.13 6.72 -23.91
CA PRO A 146 -11.58 6.67 -23.65
C PRO A 146 -12.38 5.49 -24.26
N GLN A 147 -11.89 4.97 -25.39
CA GLN A 147 -12.52 3.83 -26.07
C GLN A 147 -12.67 2.50 -25.29
N HIS A 148 -12.34 2.44 -24.00
CA HIS A 148 -12.43 1.18 -23.28
C HIS A 148 -13.60 1.23 -22.36
N HIS A 149 -14.13 0.06 -22.06
CA HIS A 149 -15.11 -0.08 -21.01
C HIS A 149 -14.33 -0.34 -19.76
N TYR A 150 -14.33 0.59 -18.83
CA TYR A 150 -13.61 0.37 -17.61
C TYR A 150 -14.54 -0.18 -16.53
N LEU A 151 -13.95 -0.76 -15.48
CA LEU A 151 -14.66 -1.27 -14.32
C LEU A 151 -13.95 -0.88 -13.04
N LEU A 152 -14.67 -0.33 -12.08
CA LEU A 152 -14.00 0.18 -10.90
C LEU A 152 -14.54 -0.44 -9.61
N ARG A 153 -13.73 -0.39 -8.56
CA ARG A 153 -14.09 -0.86 -7.22
C ARG A 153 -13.71 0.21 -6.22
N LEU A 154 -14.74 0.86 -5.69
CA LEU A 154 -14.55 2.00 -4.82
C LEU A 154 -15.16 1.66 -3.49
N VAL A 155 -14.48 2.03 -2.41
CA VAL A 155 -14.99 1.79 -1.04
C VAL A 155 -16.06 2.81 -0.64
N ASP A 156 -16.50 3.66 -1.58
CA ASP A 156 -17.44 4.75 -1.31
C ASP A 156 -18.52 4.75 -2.39
N PRO A 157 -19.55 5.61 -2.23
CA PRO A 157 -20.43 5.86 -3.38
C PRO A 157 -19.77 6.92 -4.28
N PRO A 158 -19.97 6.84 -5.61
CA PRO A 158 -19.32 7.74 -6.57
C PRO A 158 -19.27 9.23 -6.16
N GLU A 159 -20.35 9.75 -5.56
CA GLU A 159 -20.41 11.15 -5.07
C GLU A 159 -20.02 12.17 -6.17
N GLY A 160 -20.85 12.25 -7.22
CA GLY A 160 -20.49 12.87 -8.50
C GLY A 160 -20.43 11.78 -9.55
N PRO A 161 -20.43 12.16 -10.84
CA PRO A 161 -20.49 11.16 -11.92
C PRO A 161 -19.15 10.37 -12.06
N LEU A 162 -18.95 9.73 -13.20
CA LEU A 162 -17.73 8.94 -13.45
C LEU A 162 -16.75 9.68 -14.37
N PRO A 163 -15.50 9.82 -13.93
CA PRO A 163 -14.53 10.57 -14.75
C PRO A 163 -14.32 10.01 -16.18
N VAL A 164 -14.39 8.69 -16.33
CA VAL A 164 -14.07 8.03 -17.61
C VAL A 164 -15.38 7.72 -18.39
N PRO A 165 -15.39 7.84 -19.72
CA PRO A 165 -16.64 7.78 -20.49
C PRO A 165 -17.44 6.49 -20.35
N ASP A 166 -16.83 5.36 -20.69
CA ASP A 166 -17.54 4.07 -20.66
C ASP A 166 -17.23 3.34 -19.37
N ALA A 167 -17.92 3.71 -18.31
CA ALA A 167 -17.51 3.26 -17.01
C ALA A 167 -18.68 2.70 -16.21
N ARG A 168 -18.37 1.63 -15.48
CA ARG A 168 -19.28 1.02 -14.58
C ARG A 168 -18.54 0.89 -13.27
N ALA A 169 -19.09 1.43 -12.19
CA ALA A 169 -18.47 1.27 -10.90
C ALA A 169 -19.17 0.15 -10.16
N VAL A 170 -18.57 -0.31 -9.07
CA VAL A 170 -19.23 -1.18 -8.08
C VAL A 170 -18.61 -0.87 -6.74
N ILE A 171 -19.19 -1.42 -5.69
CA ILE A 171 -18.84 -0.98 -4.34
C ILE A 171 -18.11 -2.05 -3.55
N ALA A 172 -16.95 -1.68 -3.04
CA ALA A 172 -15.95 -2.61 -2.56
C ALA A 172 -15.94 -2.71 -1.06
N ARG A 173 -16.60 -3.73 -0.52
CA ARG A 173 -16.61 -3.97 0.92
C ARG A 173 -15.27 -4.55 1.42
N GLY A 174 -14.79 -5.62 0.78
CA GLY A 174 -13.57 -6.31 1.22
C GLY A 174 -13.84 -7.18 2.44
N PRO A 175 -12.89 -8.07 2.81
CA PRO A 175 -11.69 -8.37 2.05
C PRO A 175 -12.13 -9.30 0.93
N PHE A 176 -11.64 -9.04 -0.27
CA PHE A 176 -12.23 -9.67 -1.45
C PHE A 176 -11.75 -11.11 -1.53
N THR A 177 -12.39 -11.86 -2.39
CA THR A 177 -12.27 -13.27 -2.31
C THR A 177 -12.19 -13.85 -3.71
N VAL A 178 -11.41 -14.90 -3.90
CA VAL A 178 -11.20 -15.41 -5.24
C VAL A 178 -12.52 -15.69 -5.94
N GLN A 179 -13.46 -16.31 -5.22
CA GLN A 179 -14.79 -16.63 -5.76
C GLN A 179 -15.41 -15.40 -6.36
N GLY A 180 -15.43 -14.34 -5.55
CA GLY A 180 -16.17 -13.12 -5.84
C GLY A 180 -15.57 -12.42 -7.02
N ASP A 181 -14.27 -12.21 -6.94
CA ASP A 181 -13.53 -11.54 -7.99
C ASP A 181 -13.56 -12.28 -9.32
N THR A 182 -13.71 -13.59 -9.30
CA THR A 182 -13.77 -14.31 -10.56
C THR A 182 -15.15 -14.12 -11.18
N GLU A 183 -16.17 -14.13 -10.34
CA GLU A 183 -17.53 -13.91 -10.84
C GLU A 183 -17.61 -12.55 -11.46
N LEU A 184 -17.22 -11.56 -10.64
CA LEU A 184 -17.14 -10.17 -11.05
C LEU A 184 -16.50 -10.00 -12.41
N LEU A 185 -15.28 -10.49 -12.56
CA LEU A 185 -14.57 -10.40 -13.83
C LEU A 185 -15.31 -11.13 -14.95
N ARG A 186 -15.78 -12.35 -14.70
CA ARG A 186 -16.39 -13.16 -15.76
C ARG A 186 -17.70 -12.57 -16.31
N SER A 187 -18.61 -12.23 -15.39
CA SER A 187 -19.94 -11.63 -15.74
C SER A 187 -19.79 -10.33 -16.51
N GLU A 188 -18.84 -9.52 -16.04
CA GLU A 188 -18.41 -8.28 -16.68
C GLU A 188 -17.48 -8.50 -17.91
N THR A 189 -17.24 -9.74 -18.33
CA THR A 189 -16.35 -10.07 -19.48
C THR A 189 -15.07 -9.22 -19.53
N ILE A 190 -14.37 -9.13 -18.42
CA ILE A 190 -13.16 -8.35 -18.38
C ILE A 190 -12.09 -8.98 -19.25
N THR A 191 -11.28 -8.13 -19.87
CA THR A 191 -10.23 -8.56 -20.78
C THR A 191 -8.82 -8.31 -20.26
N HIS A 192 -8.65 -7.31 -19.40
CA HIS A 192 -7.35 -6.91 -18.86
C HIS A 192 -7.55 -6.44 -17.45
N VAL A 193 -6.53 -6.54 -16.63
CA VAL A 193 -6.61 -5.98 -15.30
C VAL A 193 -5.45 -5.03 -15.08
N VAL A 194 -5.70 -3.95 -14.36
CA VAL A 194 -4.66 -3.03 -14.04
C VAL A 194 -4.60 -2.98 -12.54
N ALA A 195 -3.41 -3.20 -11.99
CA ALA A 195 -3.22 -3.31 -10.55
C ALA A 195 -1.91 -2.72 -10.14
N LYS A 196 -1.84 -2.24 -8.91
CA LYS A 196 -0.60 -1.82 -8.32
C LYS A 196 0.03 -3.04 -7.71
N ASN A 197 1.35 -3.05 -7.60
CA ASN A 197 1.98 -4.16 -6.89
C ASN A 197 2.02 -3.86 -5.38
N ALA A 198 0.84 -3.92 -4.78
CA ALA A 198 0.64 -3.59 -3.39
C ALA A 198 -0.79 -3.96 -2.99
N GLY A 199 -0.97 -4.09 -1.68
CA GLY A 199 -2.25 -4.45 -1.09
C GLY A 199 -2.04 -5.60 -0.14
N GLY A 200 -2.58 -5.45 1.07
CA GLY A 200 -2.71 -6.56 2.01
C GLY A 200 -4.07 -7.19 1.78
N ALA A 201 -4.66 -7.71 2.87
CA ALA A 201 -6.00 -8.29 2.81
C ALA A 201 -6.09 -9.29 1.64
N GLY A 202 -7.25 -9.36 0.99
CA GLY A 202 -7.44 -10.24 -0.18
C GLY A 202 -7.15 -9.55 -1.48
N ALA A 203 -6.09 -8.71 -1.48
CA ALA A 203 -5.66 -7.98 -2.68
C ALA A 203 -5.25 -8.94 -3.81
N GLU A 204 -4.55 -10.03 -3.46
CA GLU A 204 -4.04 -10.96 -4.47
C GLU A 204 -5.11 -11.82 -5.13
N ALA A 205 -6.36 -11.72 -4.65
CA ALA A 205 -7.48 -12.50 -5.19
C ALA A 205 -7.70 -12.17 -6.63
N LYS A 206 -7.69 -10.88 -6.97
CA LYS A 206 -7.89 -10.51 -8.36
C LYS A 206 -6.87 -11.11 -9.29
N LEU A 207 -5.63 -11.25 -8.83
CA LEU A 207 -4.57 -11.80 -9.68
C LEU A 207 -4.84 -13.28 -9.96
N ILE A 208 -5.11 -14.01 -8.89
CA ILE A 208 -5.49 -15.39 -8.96
C ILE A 208 -6.67 -15.58 -9.90
N ALA A 209 -7.69 -14.73 -9.78
CA ALA A 209 -8.86 -14.85 -10.64
C ALA A 209 -8.51 -14.58 -12.09
N ALA A 210 -7.59 -13.65 -12.29
CA ALA A 210 -7.16 -13.34 -13.65
C ALA A 210 -6.46 -14.54 -14.29
N ARG A 211 -5.72 -15.26 -13.47
CA ARG A 211 -5.03 -16.45 -13.88
C ARG A 211 -6.03 -17.54 -14.19
N SER A 212 -7.02 -17.71 -13.31
CA SER A 212 -8.13 -18.64 -13.54
C SER A 212 -8.73 -18.48 -14.91
N LEU A 213 -8.93 -17.25 -15.32
CA LEU A 213 -9.56 -16.98 -16.60
C LEU A 213 -8.57 -16.72 -17.75
N GLY A 214 -7.28 -16.80 -17.45
CA GLY A 214 -6.25 -16.61 -18.49
C GLY A 214 -6.23 -15.25 -19.12
N LEU A 215 -6.06 -14.24 -18.27
CA LEU A 215 -6.13 -12.86 -18.66
C LEU A 215 -4.89 -12.10 -18.18
N PRO A 216 -4.41 -11.14 -18.99
CA PRO A 216 -3.22 -10.37 -18.66
C PRO A 216 -3.42 -9.37 -17.55
N VAL A 217 -2.36 -9.11 -16.79
CA VAL A 217 -2.35 -8.03 -15.82
C VAL A 217 -1.28 -7.00 -16.18
N ILE A 218 -1.64 -5.73 -16.04
CA ILE A 218 -0.70 -4.64 -16.13
C ILE A 218 -0.52 -4.16 -14.70
N LEU A 219 0.73 -4.30 -14.29
CA LEU A 219 1.14 -4.20 -12.94
C LEU A 219 2.00 -2.98 -12.74
N ILE A 220 1.52 -2.07 -11.93
CA ILE A 220 2.22 -0.85 -11.67
C ILE A 220 3.26 -1.11 -10.60
N ASP A 221 4.52 -0.96 -10.95
CA ASP A 221 5.58 -1.24 -9.99
C ASP A 221 5.63 -0.19 -8.91
N ARG A 222 6.22 -0.56 -7.78
CA ARG A 222 6.25 0.35 -6.65
C ARG A 222 7.16 1.53 -6.92
N PRO A 223 6.85 2.67 -6.31
CA PRO A 223 7.74 3.81 -6.45
C PRO A 223 9.10 3.60 -5.79
N ALA A 224 10.12 4.22 -6.41
CA ALA A 224 11.51 4.31 -5.91
C ALA A 224 11.56 5.00 -4.56
N VAL A 225 12.41 4.50 -3.68
CA VAL A 225 12.60 5.09 -2.35
C VAL A 225 14.05 4.83 -1.93
N PRO A 226 14.71 5.84 -1.32
CA PRO A 226 16.07 5.68 -0.80
C PRO A 226 16.28 4.36 -0.04
N ALA A 227 17.53 3.99 0.23
CA ALA A 227 17.84 2.74 0.94
C ALA A 227 17.51 2.86 2.42
N ARG A 228 17.04 1.78 3.01
CA ARG A 228 16.79 1.69 4.46
C ARG A 228 16.64 0.21 4.80
N ASP A 229 16.95 -0.16 6.04
CA ASP A 229 16.75 -1.55 6.46
C ASP A 229 15.29 -1.91 6.17
N ILE A 230 15.09 -3.04 5.51
CA ILE A 230 13.76 -3.53 5.15
C ILE A 230 13.44 -4.78 5.96
N CYS A 231 12.22 -4.81 6.45
CA CYS A 231 11.74 -5.94 7.21
C CYS A 231 10.52 -6.45 6.41
N ALA A 232 10.58 -7.68 5.96
CA ALA A 232 9.54 -8.22 5.09
C ALA A 232 8.44 -8.94 5.88
N THR A 233 8.71 -9.32 7.13
CA THR A 233 7.67 -9.83 8.02
C THR A 233 7.64 -9.10 9.34
N LEU A 234 6.60 -9.42 10.09
CA LEU A 234 6.48 -9.04 11.49
C LEU A 234 7.67 -9.58 12.30
N GLU A 235 7.92 -10.88 12.18
CA GLU A 235 8.94 -11.54 12.99
C GLU A 235 10.26 -10.84 12.80
N GLY A 236 10.52 -10.42 11.56
CA GLY A 236 11.77 -9.74 11.23
C GLY A 236 11.85 -8.44 11.96
N VAL A 237 10.79 -7.64 11.82
CA VAL A 237 10.65 -6.35 12.49
C VAL A 237 10.98 -6.45 13.97
N MET A 238 10.41 -7.44 14.63
CA MET A 238 10.65 -7.63 16.06
C MET A 238 12.10 -8.06 16.31
N GLY A 239 12.64 -8.87 15.41
CA GLY A 239 14.04 -9.23 15.49
C GLY A 239 14.90 -8.00 15.31
N TRP A 240 14.59 -7.23 14.26
CA TRP A 240 15.31 -6.00 14.00
C TRP A 240 15.33 -5.10 15.24
N LEU A 241 14.15 -4.91 15.85
CA LEU A 241 13.99 -4.20 17.13
C LEU A 241 14.88 -4.69 18.29
N ALA A 242 15.04 -6.00 18.38
CA ALA A 242 15.90 -6.56 19.39
C ALA A 242 17.33 -6.18 19.03
N ASP A 243 17.73 -6.46 17.78
CA ASP A 243 19.10 -6.23 17.36
C ASP A 243 19.53 -4.78 17.66
N HIS A 244 18.59 -3.85 17.55
CA HIS A 244 18.88 -2.43 17.74
C HIS A 244 18.55 -1.92 19.14
N GLY A 245 18.41 -2.86 20.09
CA GLY A 245 18.38 -2.53 21.51
C GLY A 245 17.05 -2.08 22.08
N ALA A 246 15.97 -2.36 21.36
CA ALA A 246 14.65 -1.92 21.79
C ALA A 246 14.10 -2.94 22.78
N THR A 247 13.31 -2.47 23.76
CA THR A 247 12.78 -3.32 24.81
C THR A 247 11.39 -2.90 25.31
N PRO A 248 10.59 -3.86 25.78
CA PRO A 248 9.35 -3.44 26.38
C PRO A 248 9.56 -2.77 27.73
N ARG A 249 8.47 -2.24 28.25
CA ARG A 249 8.42 -1.62 29.53
C ARG A 249 8.87 -2.64 30.53
N GLY A 250 9.77 -2.25 31.41
CA GLY A 250 10.30 -3.15 32.40
C GLY A 250 11.60 -3.74 31.92
N VAL A 251 11.81 -3.64 30.62
CA VAL A 251 12.92 -4.25 29.94
C VAL A 251 12.79 -5.74 30.12
#